data_5OR9
#
_entry.id   5OR9
#
_cell.length_a   81.444
_cell.length_b   96.646
_cell.length_c   57.584
_cell.angle_alpha   90.00
_cell.angle_beta   90.00
_cell.angle_gamma   90.00
#
_symmetry.space_group_name_H-M   'C 2 2 21'
#
loop_
_entity.id
_entity.type
_entity.pdbx_description
1 polymer 'Bromodomain adjacent to zinc finger domain protein 2B'
2 non-polymer (2~{S})-1-(4-fluorophenyl)sulfonyl-~{N}-(2-methyl-5,6-dihydro-4~{H}-cyclopenta[c]pyrazol-3-yl)pyrrolidine-2-carboxamide
3 non-polymer 1,2-ETHANEDIOL
4 water water
#
_entity_poly.entity_id   1
_entity_poly.type   'polypeptide(L)'
_entity_poly.pdbx_seq_one_letter_code
;SMSVKKPKRDDSKDLALCSMILTEMETHEDAWPFLLPVNLKLVPGYKKVIKKPMDFSTIREKLSSGQYPNLETFALDVRL
VFDNCETFNEDDSDIGRAGHNMRKYFEKKWTDTFKVS
;
_entity_poly.pdbx_strand_id   A
#
# COMPACT_ATOMS: atom_id res chain seq x y z
N SER A 1 -26.21 16.28 -3.63
CA SER A 1 -26.00 17.65 -4.09
C SER A 1 -26.22 18.63 -2.93
N MET A 2 -26.32 19.91 -3.25
CA MET A 2 -26.43 20.94 -2.21
C MET A 2 -27.64 20.67 -1.31
N SER A 3 -27.37 20.51 -0.01
CA SER A 3 -28.37 20.22 1.02
C SER A 3 -29.01 18.84 0.86
N VAL A 4 -28.41 17.94 0.09
CA VAL A 4 -28.94 16.58 -0.09
C VAL A 4 -27.79 15.64 0.28
N LYS A 5 -27.78 15.21 1.54
CA LYS A 5 -26.66 14.47 2.11
C LYS A 5 -26.86 12.98 1.93
N LYS A 6 -25.88 12.33 1.40
CA LYS A 6 -25.86 10.89 1.28
C LYS A 6 -25.36 10.27 2.57
N PRO A 7 -26.02 9.24 3.10
CA PRO A 7 -25.48 8.56 4.28
C PRO A 7 -24.07 8.08 4.02
N LYS A 8 -23.20 8.28 5.00
CA LYS A 8 -21.78 8.00 4.86
C LYS A 8 -21.36 7.04 5.96
N ARG A 9 -20.50 6.08 5.62
CA ARG A 9 -20.00 5.14 6.60
C ARG A 9 -19.21 5.89 7.68
N ASP A 10 -19.25 5.36 8.89
CA ASP A 10 -18.46 5.88 9.99
C ASP A 10 -16.97 5.69 9.67
N ASP A 11 -16.23 6.79 9.58
CA ASP A 11 -14.82 6.74 9.21
C ASP A 11 -13.90 6.98 10.40
N SER A 12 -14.44 7.04 11.62
CA SER A 12 -13.67 7.43 12.78
C SER A 12 -12.58 6.44 13.14
N LYS A 13 -12.71 5.18 12.76
CA LYS A 13 -11.69 4.19 13.06
C LYS A 13 -10.74 3.92 11.90
N ASP A 14 -10.88 4.64 10.79
CA ASP A 14 -10.12 4.30 9.58
C ASP A 14 -8.62 4.40 9.81
N LEU A 15 -8.16 5.43 10.52
CA LEU A 15 -6.73 5.61 10.74
C LEU A 15 -6.16 4.44 11.52
N ALA A 16 -6.80 4.08 12.63
CA ALA A 16 -6.33 2.96 13.43
C ALA A 16 -6.36 1.65 12.65
N LEU A 17 -7.41 1.44 11.85
CA LEU A 17 -7.50 0.17 11.11
C LEU A 17 -6.48 0.10 9.98
N CYS A 18 -6.28 1.20 9.25
CA CYS A 18 -5.23 1.20 8.22
C CYS A 18 -3.86 0.99 8.85
N SER A 19 -3.62 1.54 10.03
CA SER A 19 -2.36 1.31 10.72
C SER A 19 -2.21 -0.16 11.09
N MET A 20 -3.30 -0.80 11.55
CA MET A 20 -3.26 -2.21 11.88
CA MET A 20 -3.24 -2.21 11.88
C MET A 20 -2.94 -3.06 10.64
N ILE A 21 -3.63 -2.78 9.53
CA ILE A 21 -3.35 -3.50 8.29
C ILE A 21 -1.90 -3.31 7.88
N LEU A 22 -1.40 -2.06 7.93
CA LEU A 22 -0.03 -1.82 7.51
C LEU A 22 0.96 -2.56 8.39
N THR A 23 0.67 -2.66 9.69
CA THR A 23 1.54 -3.43 10.59
C THR A 23 1.57 -4.91 10.19
N GLU A 24 0.42 -5.47 9.81
CA GLU A 24 0.42 -6.86 9.36
C GLU A 24 1.23 -7.01 8.08
N MET A 25 1.18 -6.03 7.19
CA MET A 25 2.01 -6.07 5.99
C MET A 25 3.48 -6.04 6.36
N GLU A 26 3.86 -5.09 7.22
CA GLU A 26 5.27 -4.91 7.58
C GLU A 26 5.87 -6.15 8.22
N THR A 27 5.06 -6.97 8.89
CA THR A 27 5.56 -8.13 9.61
C THR A 27 5.40 -9.42 8.82
N HIS A 28 4.80 -9.35 7.63
CA HIS A 28 4.70 -10.51 6.76
C HIS A 28 6.09 -10.97 6.34
N GLU A 29 6.27 -12.29 6.24
CA GLU A 29 7.57 -12.85 5.89
C GLU A 29 8.07 -12.30 4.57
N ASP A 30 7.17 -12.02 3.62
CA ASP A 30 7.56 -11.60 2.28
C ASP A 30 7.54 -10.07 2.11
N ALA A 31 7.59 -9.32 3.22
CA ALA A 31 7.61 -7.87 3.12
C ALA A 31 8.99 -7.29 2.82
N TRP A 32 10.04 -8.08 2.93
CA TRP A 32 11.39 -7.53 2.84
C TRP A 32 11.67 -6.72 1.57
N PRO A 33 11.10 -7.02 0.38
CA PRO A 33 11.41 -6.16 -0.78
C PRO A 33 10.79 -4.78 -0.68
N PHE A 34 9.83 -4.59 0.23
CA PHE A 34 8.98 -3.40 0.22
C PHE A 34 9.09 -2.56 1.48
N LEU A 35 9.99 -2.90 2.40
CA LEU A 35 10.06 -2.19 3.66
C LEU A 35 10.75 -0.83 3.50
N LEU A 36 11.64 -0.69 2.52
CA LEU A 36 12.42 0.51 2.28
C LEU A 36 12.32 0.93 0.83
N PRO A 37 12.59 2.19 0.52
CA PRO A 37 12.57 2.60 -0.89
C PRO A 37 13.59 1.82 -1.70
N VAL A 38 13.25 1.53 -2.95
CA VAL A 38 14.24 0.99 -3.88
C VAL A 38 15.33 2.04 -4.06
N ASN A 39 16.58 1.59 -4.07
CA ASN A 39 17.72 2.51 -4.11
C ASN A 39 17.90 3.03 -5.54
N LEU A 40 17.40 4.23 -5.80
CA LEU A 40 17.44 4.75 -7.16
C LEU A 40 18.85 4.95 -7.69
N LYS A 41 19.87 4.90 -6.83
CA LYS A 41 21.25 5.06 -7.26
C LYS A 41 21.95 3.72 -7.50
N LEU A 42 21.37 2.61 -7.05
CA LEU A 42 21.96 1.30 -7.27
C LEU A 42 21.22 0.44 -8.26
N VAL A 43 19.98 0.75 -8.60
CA VAL A 43 19.15 -0.11 -9.43
C VAL A 43 19.01 0.54 -10.80
N PRO A 44 19.65 0.01 -11.84
CA PRO A 44 19.53 0.63 -13.16
C PRO A 44 18.08 0.62 -13.63
N GLY A 45 17.68 1.70 -14.28
CA GLY A 45 16.37 1.79 -14.90
C GLY A 45 15.24 2.14 -13.97
N TYR A 46 15.39 1.97 -12.66
CA TYR A 46 14.22 2.08 -11.79
C TYR A 46 13.66 3.49 -11.78
N LYS A 47 14.52 4.49 -11.58
CA LYS A 47 14.05 5.87 -11.55
C LYS A 47 13.43 6.26 -12.89
N LYS A 48 14.01 5.80 -13.99
CA LYS A 48 13.48 6.17 -15.30
C LYS A 48 12.15 5.48 -15.59
N VAL A 49 12.03 4.21 -15.20
CA VAL A 49 10.85 3.43 -15.57
C VAL A 49 9.70 3.63 -14.58
N ILE A 50 9.98 3.75 -13.28
CA ILE A 50 8.94 3.75 -12.25
C ILE A 50 8.69 5.20 -11.87
N LYS A 51 7.58 5.75 -12.37
CA LYS A 51 7.37 7.19 -12.25
C LYS A 51 6.98 7.61 -10.83
N LYS A 52 6.39 6.72 -10.05
CA LYS A 52 5.99 7.02 -8.67
C LYS A 52 6.42 5.88 -7.76
N PRO A 53 7.67 5.88 -7.30
CA PRO A 53 8.12 4.85 -6.37
C PRO A 53 7.33 4.92 -5.07
N MET A 54 7.13 3.77 -4.45
CA MET A 54 6.41 3.74 -3.17
C MET A 54 6.84 2.50 -2.42
N ASP A 55 6.77 2.57 -1.09
CA ASP A 55 7.20 1.47 -0.23
C ASP A 55 6.50 1.62 1.13
N PHE A 56 6.63 0.57 1.94
CA PHE A 56 5.90 0.53 3.21
C PHE A 56 6.36 1.64 4.15
N SER A 57 7.65 1.95 4.19
CA SER A 57 8.11 2.98 5.12
C SER A 57 7.56 4.35 4.74
N THR A 58 7.46 4.63 3.45
CA THR A 58 6.88 5.90 3.01
C THR A 58 5.40 5.95 3.35
N ILE A 59 4.68 4.85 3.13
CA ILE A 59 3.28 4.78 3.51
C ILE A 59 3.12 4.99 5.02
N ARG A 60 3.98 4.33 5.82
CA ARG A 60 3.90 4.48 7.27
C ARG A 60 4.15 5.92 7.69
N GLU A 61 5.15 6.56 7.09
CA GLU A 61 5.41 7.98 7.39
C GLU A 61 4.21 8.84 7.02
N LYS A 62 3.63 8.61 5.83
CA LYS A 62 2.48 9.40 5.40
C LYS A 62 1.29 9.17 6.31
N LEU A 63 1.08 7.92 6.76
CA LEU A 63 -0.03 7.64 7.66
C LEU A 63 0.19 8.31 9.02
N SER A 64 1.43 8.28 9.51
CA SER A 64 1.76 8.87 10.81
C SER A 64 1.74 10.41 10.80
N SER A 65 1.65 11.05 9.63
CA SER A 65 1.75 12.51 9.54
C SER A 65 0.55 13.13 8.83
N GLY A 66 -0.57 12.43 8.78
CA GLY A 66 -1.79 13.00 8.25
C GLY A 66 -1.80 13.25 6.75
N GLN A 67 -1.02 12.51 5.98
CA GLN A 67 -0.93 12.75 4.54
C GLN A 67 -1.91 11.91 3.73
N TYR A 68 -2.72 11.06 4.37
CA TYR A 68 -3.80 10.38 3.67
C TYR A 68 -5.13 11.01 4.05
N PRO A 69 -5.83 11.64 3.10
CA PRO A 69 -7.12 12.28 3.42
C PRO A 69 -8.22 11.27 3.71
N ASN A 70 -8.14 10.07 3.17
CA ASN A 70 -9.19 9.08 3.33
C ASN A 70 -8.57 7.69 3.09
N LEU A 71 -9.34 6.66 3.41
CA LEU A 71 -8.78 5.32 3.32
C LEU A 71 -8.52 4.92 1.88
N GLU A 72 -9.27 5.47 0.92
CA GLU A 72 -9.04 5.09 -0.46
CA GLU A 72 -9.07 5.14 -0.49
C GLU A 72 -7.69 5.57 -0.97
N THR A 73 -7.21 6.73 -0.52
CA THR A 73 -5.89 7.19 -0.92
C THR A 73 -4.79 6.34 -0.29
N PHE A 74 -5.03 5.82 0.92
CA PHE A 74 -4.10 4.86 1.51
C PHE A 74 -4.00 3.59 0.66
N ALA A 75 -5.16 3.03 0.28
CA ALA A 75 -5.13 1.81 -0.54
C ALA A 75 -4.47 2.05 -1.90
N LEU A 76 -4.58 3.26 -2.44
CA LEU A 76 -3.92 3.57 -3.71
C LEU A 76 -2.41 3.42 -3.59
N ASP A 77 -1.84 3.94 -2.50
CA ASP A 77 -0.39 3.83 -2.31
C ASP A 77 0.04 2.39 -2.07
N VAL A 78 -0.74 1.61 -1.31
CA VAL A 78 -0.39 0.21 -1.12
C VAL A 78 -0.40 -0.50 -2.48
N ARG A 79 -1.44 -0.28 -3.27
CA ARG A 79 -1.53 -0.96 -4.57
C ARG A 79 -0.43 -0.49 -5.50
N LEU A 80 -0.04 0.78 -5.40
CA LEU A 80 1.07 1.31 -6.19
C LEU A 80 2.36 0.54 -5.92
N VAL A 81 2.60 0.14 -4.66
CA VAL A 81 3.77 -0.67 -4.35
C VAL A 81 3.80 -1.93 -5.21
N PHE A 82 2.66 -2.61 -5.31
CA PHE A 82 2.64 -3.90 -6.01
C PHE A 82 2.54 -3.73 -7.52
N ASP A 83 1.91 -2.65 -7.99
CA ASP A 83 1.93 -2.33 -9.42
C ASP A 83 3.34 -1.99 -9.88
N ASN A 84 4.07 -1.19 -9.10
CA ASN A 84 5.48 -0.96 -9.42
C ASN A 84 6.24 -2.28 -9.49
N CYS A 85 6.06 -3.13 -8.47
CA CYS A 85 6.76 -4.41 -8.41
C CYS A 85 6.46 -5.26 -9.64
N GLU A 86 5.20 -5.25 -10.10
CA GLU A 86 4.82 -6.10 -11.22
C GLU A 86 5.30 -5.52 -12.53
N THR A 87 5.53 -4.21 -12.58
CA THR A 87 6.09 -3.58 -13.77
C THR A 87 7.57 -3.91 -13.93
N PHE A 88 8.31 -3.97 -12.83
CA PHE A 88 9.76 -4.06 -12.90
C PHE A 88 10.29 -5.47 -12.71
N ASN A 89 9.59 -6.35 -12.02
CA ASN A 89 10.12 -7.67 -11.67
C ASN A 89 9.37 -8.79 -12.39
N GLU A 90 10.10 -9.84 -12.74
CA GLU A 90 9.49 -11.02 -13.33
C GLU A 90 8.56 -11.70 -12.32
N ASP A 91 7.45 -12.23 -12.83
CA ASP A 91 6.41 -12.83 -11.99
C ASP A 91 6.97 -13.87 -11.03
N ASP A 92 7.96 -14.65 -11.44
CA ASP A 92 8.45 -15.73 -10.60
C ASP A 92 9.83 -15.46 -10.03
N SER A 93 10.37 -14.25 -10.20
CA SER A 93 11.50 -13.87 -9.39
C SER A 93 11.08 -13.83 -7.92
N ASP A 94 12.06 -13.78 -7.01
CA ASP A 94 11.73 -13.71 -5.60
C ASP A 94 10.96 -12.44 -5.26
N ILE A 95 11.43 -11.30 -5.77
CA ILE A 95 10.72 -10.04 -5.51
C ILE A 95 9.37 -10.03 -6.20
N GLY A 96 9.32 -10.53 -7.44
CA GLY A 96 8.05 -10.56 -8.17
C GLY A 96 6.98 -11.40 -7.50
N ARG A 97 7.36 -12.60 -7.03
CA ARG A 97 6.37 -13.46 -6.37
C ARG A 97 6.00 -12.90 -5.00
N ALA A 98 6.97 -12.35 -4.28
CA ALA A 98 6.66 -11.65 -3.04
C ALA A 98 5.58 -10.60 -3.26
N GLY A 99 5.68 -9.87 -4.37
CA GLY A 99 4.70 -8.82 -4.64
C GLY A 99 3.31 -9.39 -4.88
N HIS A 100 3.21 -10.45 -5.68
CA HIS A 100 1.93 -11.10 -5.87
C HIS A 100 1.36 -11.62 -4.54
N ASN A 101 2.21 -12.24 -3.72
CA ASN A 101 1.76 -12.73 -2.41
C ASN A 101 1.26 -11.58 -1.54
N MET A 102 2.02 -10.49 -1.49
CA MET A 102 1.64 -9.37 -0.62
C MET A 102 0.38 -8.66 -1.12
N ARG A 103 0.18 -8.57 -2.43
CA ARG A 103 -1.05 -7.95 -2.92
C ARG A 103 -2.26 -8.74 -2.47
N LYS A 104 -2.20 -10.06 -2.62
CA LYS A 104 -3.30 -10.91 -2.20
C LYS A 104 -3.55 -10.79 -0.71
N TYR A 105 -2.47 -10.87 0.08
CA TYR A 105 -2.58 -10.67 1.51
C TYR A 105 -3.30 -9.36 1.82
N PHE A 106 -2.90 -8.27 1.16
CA PHE A 106 -3.49 -6.95 1.42
C PHE A 106 -4.98 -6.93 1.08
N GLU A 107 -5.33 -7.40 -0.12
CA GLU A 107 -6.72 -7.23 -0.56
C GLU A 107 -7.67 -8.03 0.31
N LYS A 108 -7.21 -9.15 0.86
CA LYS A 108 -8.08 -9.90 1.76
C LYS A 108 -8.27 -9.17 3.10
N LYS A 109 -7.19 -8.61 3.66
CA LYS A 109 -7.32 -7.79 4.86
C LYS A 109 -8.23 -6.60 4.61
N TRP A 110 -8.14 -6.02 3.41
CA TRP A 110 -8.94 -4.84 3.08
C TRP A 110 -10.43 -5.17 3.08
N THR A 111 -10.82 -6.22 2.37
CA THR A 111 -12.25 -6.59 2.34
C THR A 111 -12.71 -7.08 3.70
N ASP A 112 -11.88 -7.87 4.38
CA ASP A 112 -12.26 -8.36 5.71
C ASP A 112 -12.46 -7.20 6.69
N THR A 113 -11.66 -6.14 6.55
CA THR A 113 -11.72 -5.04 7.50
C THR A 113 -12.84 -4.06 7.18
N PHE A 114 -13.02 -3.70 5.90
CA PHE A 114 -13.88 -2.59 5.54
C PHE A 114 -15.14 -2.97 4.77
N LYS A 115 -15.21 -4.16 4.19
CA LYS A 115 -16.44 -4.58 3.53
C LYS A 115 -17.37 -5.16 4.59
N VAL A 116 -18.42 -4.40 4.92
CA VAL A 116 -19.22 -4.54 6.16
C VAL A 116 -18.31 -4.80 7.35
#